data_6POQ
#
_entry.id   6POQ
#
_cell.length_a   118.164
_cell.length_b   63.708
_cell.length_c   74.793
_cell.angle_alpha   90.000
_cell.angle_beta   125.245
_cell.angle_gamma   90.000
#
_symmetry.space_group_name_H-M   'C 1 2 1'
#
loop_
_entity.id
_entity.type
_entity.pdbx_description
1 polymer 'Thiol:disulfide interchange protein DsbA'
2 non-polymer '{6-[(4-methoxyphenyl)amino]-1-benzofuran-3-yl}acetic acid'
3 non-polymer 'COPPER (II) ION'
4 water water
#
_entity_poly.entity_id   1
_entity_poly.type   'polypeptide(L)'
_entity_poly.pdbx_seq_one_letter_code
;AQYEDGKQYTTLEKPVAGAPQVLEFFSFFCPHCYQFEEVLHISDNVKKKLPEGVKMTKYHVNFMGGDLGKDLTQAWAVAM
ALGVEDKVTVPLFEGVQKTQTIRSASDIRDVFINAGIKGEEYDAAWNSFVVKSLVAQQEKAAADVQLRGVPAMFVNGKYQ
LNPQGMDTSNMDVFVQQYADTVKYLSEKK
;
_entity_poly.pdbx_strand_id   A,B
#
loop_
_chem_comp.id
_chem_comp.type
_chem_comp.name
_chem_comp.formula
CU non-polymer 'COPPER (II) ION' 'Cu 2'
OVJ non-polymer '{6-[(4-methoxyphenyl)amino]-1-benzofuran-3-yl}acetic acid' 'C17 H15 N O4'
#
# COMPACT_ATOMS: atom_id res chain seq x y z
N ALA A 1 -8.63 14.59 -29.46
CA ALA A 1 -8.89 13.16 -29.50
C ALA A 1 -9.28 12.63 -28.11
N GLN A 2 -9.99 11.49 -28.07
CA GLN A 2 -10.37 10.91 -26.79
C GLN A 2 -9.17 10.40 -26.02
N TYR A 3 -8.23 9.76 -26.72
CA TYR A 3 -6.96 9.35 -26.15
C TYR A 3 -5.89 10.30 -26.64
N GLU A 4 -5.13 10.88 -25.73
N GLU A 4 -5.15 10.91 -25.72
CA GLU A 4 -4.16 11.90 -26.09
CA GLU A 4 -4.16 11.92 -26.04
C GLU A 4 -2.82 11.62 -25.43
C GLU A 4 -2.82 11.54 -25.44
N ASP A 5 -1.75 11.78 -26.20
CA ASP A 5 -0.42 11.65 -25.66
C ASP A 5 -0.23 12.68 -24.55
N GLY A 6 0.21 12.22 -23.38
CA GLY A 6 0.31 13.08 -22.21
C GLY A 6 -0.87 13.03 -21.28
N LYS A 7 -1.95 12.33 -21.64
CA LYS A 7 -3.10 12.17 -20.77
C LYS A 7 -3.18 10.74 -20.23
N GLN A 8 -3.75 9.82 -21.01
CA GLN A 8 -3.83 8.43 -20.57
C GLN A 8 -2.52 7.69 -20.78
N TYR A 9 -1.63 8.23 -21.61
CA TYR A 9 -0.39 7.55 -21.93
C TYR A 9 0.64 8.58 -22.38
N THR A 10 1.89 8.15 -22.40
CA THR A 10 3.00 8.92 -22.95
C THR A 10 3.71 8.05 -23.99
N THR A 11 4.49 8.70 -24.85
CA THR A 11 5.17 8.01 -25.93
C THR A 11 6.65 8.06 -25.68
N LEU A 12 7.31 6.90 -25.74
CA LEU A 12 8.72 6.84 -25.43
C LEU A 12 9.52 7.61 -26.46
N GLU A 13 10.48 8.42 -25.99
N GLU A 13 10.46 8.44 -25.98
CA GLU A 13 11.30 9.18 -26.92
CA GLU A 13 11.35 9.17 -26.87
C GLU A 13 12.21 8.26 -27.75
C GLU A 13 12.13 8.23 -27.76
N LYS A 14 12.60 7.12 -27.21
CA LYS A 14 13.37 6.12 -27.95
C LYS A 14 12.62 4.80 -27.88
N PRO A 15 11.86 4.44 -28.92
CA PRO A 15 11.12 3.17 -28.89
C PRO A 15 12.05 1.98 -28.70
N VAL A 16 11.51 0.94 -28.09
CA VAL A 16 12.27 -0.26 -27.75
C VAL A 16 11.87 -1.36 -28.75
N ALA A 17 12.72 -1.57 -29.74
CA ALA A 17 12.49 -2.63 -30.70
C ALA A 17 12.60 -4.00 -30.03
N GLY A 18 11.73 -4.92 -30.42
CA GLY A 18 11.77 -6.27 -29.90
C GLY A 18 11.25 -6.42 -28.48
N ALA A 19 10.65 -5.38 -27.92
CA ALA A 19 10.13 -5.46 -26.57
C ALA A 19 8.87 -6.32 -26.54
N PRO A 20 8.53 -6.87 -25.37
CA PRO A 20 7.27 -7.62 -25.25
C PRO A 20 6.05 -6.71 -25.43
N GLN A 21 4.95 -7.33 -25.87
CA GLN A 21 3.77 -6.57 -26.28
C GLN A 21 3.16 -5.79 -25.13
N VAL A 22 2.97 -6.45 -23.99
CA VAL A 22 2.48 -5.82 -22.77
C VAL A 22 3.48 -6.15 -21.68
N LEU A 23 4.15 -5.12 -21.15
CA LEU A 23 5.24 -5.31 -20.21
C LEU A 23 4.95 -4.49 -18.96
N GLU A 24 4.84 -5.17 -17.82
CA GLU A 24 4.58 -4.52 -16.54
C GLU A 24 5.82 -4.62 -15.69
N PHE A 25 6.09 -3.57 -14.91
CA PHE A 25 7.17 -3.56 -13.94
C PHE A 25 6.58 -3.28 -12.57
N PHE A 26 7.08 -3.98 -11.54
CA PHE A 26 6.56 -3.79 -10.20
C PHE A 26 7.68 -4.02 -9.20
N SER A 27 7.42 -3.63 -7.95
CA SER A 27 8.28 -4.03 -6.83
C SER A 27 7.38 -4.55 -5.72
N PHE A 28 7.83 -5.58 -5.01
CA PHE A 28 7.06 -5.98 -3.83
C PHE A 28 7.13 -4.95 -2.71
N PHE A 29 8.03 -3.95 -2.81
CA PHE A 29 8.06 -2.83 -1.87
C PHE A 29 7.14 -1.68 -2.27
N CYS A 30 6.52 -1.76 -3.44
CA CYS A 30 5.82 -0.62 -4.04
C CYS A 30 4.36 -0.58 -3.59
N PRO A 31 3.92 0.46 -2.87
CA PRO A 31 2.54 0.44 -2.33
C PRO A 31 1.46 0.40 -3.40
N HIS A 32 1.59 1.18 -4.49
CA HIS A 32 0.59 1.08 -5.55
C HIS A 32 0.61 -0.28 -6.21
N CYS A 33 1.78 -0.94 -6.26
CA CYS A 33 1.85 -2.28 -6.82
C CYS A 33 1.02 -3.26 -6.00
N TYR A 34 1.07 -3.12 -4.67
CA TYR A 34 0.23 -3.93 -3.79
C TYR A 34 -1.24 -3.78 -4.16
N GLN A 35 -1.69 -2.53 -4.34
CA GLN A 35 -3.08 -2.29 -4.73
C GLN A 35 -3.36 -2.86 -6.11
N PHE A 36 -2.44 -2.65 -7.08
CA PHE A 36 -2.63 -3.19 -8.43
C PHE A 36 -2.85 -4.69 -8.40
N GLU A 37 -2.24 -5.38 -7.43
CA GLU A 37 -2.41 -6.81 -7.28
C GLU A 37 -3.68 -7.17 -6.52
N GLU A 38 -3.80 -6.74 -5.25
CA GLU A 38 -4.84 -7.29 -4.37
C GLU A 38 -6.19 -6.62 -4.50
N VAL A 39 -6.23 -5.33 -4.84
CA VAL A 39 -7.46 -4.54 -4.81
C VAL A 39 -8.02 -4.29 -6.21
N LEU A 40 -7.13 -4.09 -7.17
CA LEU A 40 -7.54 -3.73 -8.52
C LEU A 40 -7.40 -4.87 -9.52
N HIS A 41 -6.50 -5.82 -9.28
CA HIS A 41 -6.24 -6.92 -10.20
C HIS A 41 -6.03 -6.39 -11.62
N ILE A 42 -5.12 -5.42 -11.73
CA ILE A 42 -4.89 -4.75 -13.01
C ILE A 42 -4.51 -5.76 -14.08
N SER A 43 -3.56 -6.65 -13.76
CA SER A 43 -3.07 -7.58 -14.78
C SER A 43 -4.19 -8.47 -15.33
N ASP A 44 -5.05 -8.98 -14.44
N ASP A 44 -5.04 -9.01 -14.43
CA ASP A 44 -6.12 -9.85 -14.90
CA ASP A 44 -6.14 -9.85 -14.89
C ASP A 44 -7.15 -9.08 -15.72
C ASP A 44 -7.11 -9.05 -15.74
N ASN A 45 -7.42 -7.82 -15.35
CA ASN A 45 -8.42 -7.05 -16.08
C ASN A 45 -7.90 -6.59 -17.43
N VAL A 46 -6.62 -6.27 -17.52
CA VAL A 46 -6.03 -5.97 -18.81
C VAL A 46 -6.09 -7.20 -19.71
N LYS A 47 -5.73 -8.37 -19.16
CA LYS A 47 -5.74 -9.59 -19.97
C LYS A 47 -7.11 -9.85 -20.58
N LYS A 48 -8.17 -9.63 -19.81
CA LYS A 48 -9.51 -9.90 -20.33
C LYS A 48 -9.91 -8.93 -21.43
N LYS A 49 -9.28 -7.77 -21.52
CA LYS A 49 -9.62 -6.84 -22.59
C LYS A 49 -8.78 -7.03 -23.84
N LEU A 50 -7.72 -7.86 -23.79
CA LEU A 50 -6.88 -8.13 -24.95
C LEU A 50 -7.25 -9.45 -25.63
N PRO A 51 -6.88 -9.66 -26.89
CA PRO A 51 -7.22 -10.94 -27.54
C PRO A 51 -6.59 -12.12 -26.82
N GLU A 52 -7.22 -13.29 -27.01
CA GLU A 52 -6.71 -14.50 -26.38
C GLU A 52 -5.29 -14.78 -26.84
N GLY A 53 -4.45 -15.22 -25.90
CA GLY A 53 -3.13 -15.70 -26.22
C GLY A 53 -2.05 -14.66 -26.34
N VAL A 54 -2.38 -13.37 -26.24
CA VAL A 54 -1.36 -12.34 -26.28
C VAL A 54 -0.45 -12.49 -25.07
N LYS A 55 0.83 -12.22 -25.25
CA LYS A 55 1.79 -12.40 -24.18
C LYS A 55 1.83 -11.16 -23.30
N MET A 56 1.62 -11.36 -22.01
CA MET A 56 1.84 -10.32 -21.01
C MET A 56 3.04 -10.74 -20.18
N THR A 57 3.95 -9.80 -19.96
CA THR A 57 5.16 -10.04 -19.19
C THR A 57 5.15 -9.11 -17.99
N LYS A 58 5.66 -9.61 -16.86
CA LYS A 58 5.72 -8.85 -15.63
C LYS A 58 7.06 -9.10 -14.96
N TYR A 59 7.82 -8.02 -14.74
CA TYR A 59 9.16 -8.12 -14.20
C TYR A 59 9.27 -7.33 -12.91
N HIS A 60 10.14 -7.80 -12.01
CA HIS A 60 10.47 -7.08 -10.78
C HIS A 60 11.63 -6.09 -11.03
N VAL A 61 11.76 -5.10 -10.14
CA VAL A 61 12.79 -4.07 -10.27
C VAL A 61 13.64 -4.01 -9.00
N ASN A 62 14.87 -3.51 -9.17
CA ASN A 62 15.80 -3.44 -8.04
C ASN A 62 15.69 -2.16 -7.23
N PHE A 63 15.16 -1.07 -7.79
CA PHE A 63 15.51 0.21 -7.21
C PHE A 63 14.74 0.55 -5.92
N MET A 64 13.87 -0.34 -5.42
CA MET A 64 13.24 -0.12 -4.12
C MET A 64 13.72 -1.19 -3.17
N GLY A 65 14.06 -0.80 -1.95
CA GLY A 65 14.36 -1.76 -0.92
C GLY A 65 15.78 -2.27 -0.83
N GLY A 66 16.74 -1.63 -1.50
CA GLY A 66 18.14 -1.95 -1.23
C GLY A 66 18.48 -3.41 -1.49
N ASP A 67 19.22 -4.03 -0.56
CA ASP A 67 19.65 -5.42 -0.69
C ASP A 67 18.47 -6.34 -0.92
N LEU A 68 17.42 -6.17 -0.12
CA LEU A 68 16.29 -7.08 -0.21
C LEU A 68 15.55 -6.87 -1.53
N GLY A 69 15.56 -5.64 -2.05
CA GLY A 69 14.96 -5.40 -3.36
C GLY A 69 15.61 -6.20 -4.46
N LYS A 70 16.94 -6.33 -4.42
CA LYS A 70 17.62 -7.21 -5.38
C LYS A 70 17.35 -8.68 -5.10
N ASP A 71 17.27 -9.09 -3.82
CA ASP A 71 16.90 -10.48 -3.53
C ASP A 71 15.53 -10.79 -4.09
N LEU A 72 14.60 -9.83 -4.02
CA LEU A 72 13.25 -10.07 -4.54
C LEU A 72 13.24 -10.16 -6.07
N THR A 73 14.12 -9.45 -6.75
CA THR A 73 14.21 -9.61 -8.20
C THR A 73 14.73 -11.01 -8.55
N GLN A 74 15.71 -11.49 -7.79
CA GLN A 74 16.17 -12.86 -7.99
C GLN A 74 15.09 -13.88 -7.62
N ALA A 75 14.33 -13.64 -6.54
CA ALA A 75 13.25 -14.57 -6.20
C ALA A 75 12.15 -14.55 -7.27
N TRP A 76 11.88 -13.38 -7.85
CA TRP A 76 10.90 -13.32 -8.93
C TRP A 76 11.41 -14.08 -10.16
N ALA A 77 12.72 -14.03 -10.43
CA ALA A 77 13.31 -14.89 -11.45
C ALA A 77 13.08 -16.36 -11.14
N VAL A 78 13.26 -16.78 -9.88
CA VAL A 78 12.94 -18.15 -9.50
C VAL A 78 11.48 -18.45 -9.77
N ALA A 79 10.59 -17.52 -9.38
CA ALA A 79 9.17 -17.76 -9.56
C ALA A 79 8.83 -17.94 -11.04
N MET A 80 9.43 -17.12 -11.90
CA MET A 80 9.20 -17.27 -13.35
C MET A 80 9.79 -18.57 -13.87
N ALA A 81 10.99 -18.93 -13.41
CA ALA A 81 11.61 -20.16 -13.91
C ALA A 81 10.78 -21.39 -13.54
N LEU A 82 10.25 -21.43 -12.31
CA LEU A 82 9.49 -22.57 -11.83
C LEU A 82 8.01 -22.50 -12.19
N GLY A 83 7.56 -21.38 -12.74
CA GLY A 83 6.15 -21.18 -13.05
C GLY A 83 5.25 -21.08 -11.84
N VAL A 84 5.71 -20.43 -10.76
CA VAL A 84 4.90 -20.42 -9.54
C VAL A 84 4.54 -18.98 -9.14
N GLU A 85 4.51 -18.07 -10.12
CA GLU A 85 4.17 -16.67 -9.81
C GLU A 85 2.84 -16.56 -9.06
N ASP A 86 1.82 -17.28 -9.52
CA ASP A 86 0.51 -17.14 -8.89
C ASP A 86 0.51 -17.70 -7.47
N LYS A 87 1.46 -18.56 -7.13
CA LYS A 87 1.49 -19.10 -5.78
C LYS A 87 2.19 -18.17 -4.80
N VAL A 88 3.12 -17.33 -5.25
CA VAL A 88 3.94 -16.56 -4.33
C VAL A 88 3.69 -15.05 -4.37
N THR A 89 2.96 -14.54 -5.38
CA THR A 89 2.79 -13.08 -5.48
C THR A 89 2.13 -12.49 -4.23
N VAL A 90 0.98 -13.04 -3.84
CA VAL A 90 0.27 -12.51 -2.67
C VAL A 90 1.07 -12.68 -1.38
N PRO A 91 1.58 -13.87 -1.03
CA PRO A 91 2.40 -14.00 0.19
C PRO A 91 3.63 -13.09 0.19
N LEU A 92 4.22 -12.82 -0.97
CA LEU A 92 5.39 -11.94 -0.98
C LEU A 92 4.97 -10.48 -0.74
N PHE A 93 3.91 -10.04 -1.42
CA PHE A 93 3.37 -8.70 -1.14
C PHE A 93 3.00 -8.54 0.33
N GLU A 94 2.28 -9.53 0.88
CA GLU A 94 1.85 -9.38 2.27
C GLU A 94 3.04 -9.49 3.22
N GLY A 95 4.01 -10.38 2.91
CA GLY A 95 5.18 -10.50 3.77
C GLY A 95 6.00 -9.22 3.84
N VAL A 96 6.11 -8.51 2.70
CA VAL A 96 6.86 -7.25 2.70
C VAL A 96 6.04 -6.12 3.30
N GLN A 97 4.77 -5.95 2.88
CA GLN A 97 4.04 -4.73 3.22
C GLN A 97 3.01 -4.89 4.31
N LYS A 98 2.42 -6.06 4.49
CA LYS A 98 1.34 -6.17 5.48
C LYS A 98 1.86 -6.67 6.83
N THR A 99 2.45 -7.86 6.86
CA THR A 99 2.99 -8.42 8.09
C THR A 99 4.43 -8.01 8.36
N GLN A 100 5.16 -7.55 7.34
CA GLN A 100 6.56 -7.17 7.50
C GLN A 100 7.35 -8.29 8.15
N THR A 101 7.10 -9.50 7.66
CA THR A 101 7.83 -10.67 8.10
C THR A 101 8.95 -11.05 7.14
N ILE A 102 9.11 -10.32 6.05
CA ILE A 102 10.17 -10.60 5.10
C ILE A 102 11.30 -9.60 5.34
N ARG A 103 12.40 -10.07 5.91
CA ARG A 103 13.53 -9.21 6.21
C ARG A 103 14.84 -9.73 5.65
N SER A 104 14.84 -10.89 5.01
CA SER A 104 16.09 -11.51 4.57
C SER A 104 15.76 -12.47 3.44
N ALA A 105 16.82 -12.93 2.74
CA ALA A 105 16.59 -13.90 1.68
C ALA A 105 16.01 -15.19 2.23
N SER A 106 16.42 -15.58 3.44
CA SER A 106 15.83 -16.77 4.07
C SER A 106 14.32 -16.61 4.25
N ASP A 107 13.86 -15.42 4.66
CA ASP A 107 12.43 -15.21 4.82
C ASP A 107 11.69 -15.31 3.49
N ILE A 108 12.32 -14.82 2.41
CA ILE A 108 11.72 -14.99 1.10
C ILE A 108 11.61 -16.47 0.75
N ARG A 109 12.68 -17.22 0.98
CA ARG A 109 12.65 -18.66 0.73
C ARG A 109 11.53 -19.34 1.50
N ASP A 110 11.30 -18.91 2.75
CA ASP A 110 10.21 -19.48 3.55
C ASP A 110 8.86 -19.35 2.85
N VAL A 111 8.62 -18.23 2.17
CA VAL A 111 7.36 -18.04 1.46
C VAL A 111 7.17 -19.11 0.41
N PHE A 112 8.23 -19.41 -0.34
CA PHE A 112 8.15 -20.46 -1.36
C PHE A 112 7.94 -21.84 -0.73
N ILE A 113 8.66 -22.14 0.35
CA ILE A 113 8.48 -23.43 1.03
C ILE A 113 7.04 -23.60 1.48
N ASN A 114 6.51 -22.58 2.15
CA ASN A 114 5.12 -22.62 2.62
C ASN A 114 4.13 -22.72 1.46
N ALA A 115 4.49 -22.18 0.29
CA ALA A 115 3.65 -22.33 -0.90
C ALA A 115 3.79 -23.67 -1.57
N GLY A 116 4.63 -24.56 -1.05
CA GLY A 116 4.74 -25.91 -1.58
C GLY A 116 5.87 -26.17 -2.56
N ILE A 117 6.77 -25.22 -2.75
CA ILE A 117 7.97 -25.45 -3.56
C ILE A 117 8.99 -26.15 -2.68
N LYS A 118 9.53 -27.27 -3.16
CA LYS A 118 10.48 -28.04 -2.36
C LYS A 118 11.76 -27.23 -2.13
N GLY A 119 12.37 -27.45 -0.97
CA GLY A 119 13.58 -26.70 -0.65
C GLY A 119 14.69 -26.93 -1.65
N GLU A 120 14.94 -28.19 -1.99
CA GLU A 120 15.97 -28.49 -2.99
C GLU A 120 15.66 -27.82 -4.31
N GLU A 121 14.38 -27.80 -4.69
CA GLU A 121 13.94 -27.17 -5.94
C GLU A 121 14.22 -25.67 -5.94
N TYR A 122 13.87 -25.00 -4.84
CA TYR A 122 14.09 -23.56 -4.74
C TYR A 122 15.57 -23.22 -4.78
N ASP A 123 16.39 -23.95 -4.00
CA ASP A 123 17.80 -23.61 -3.92
C ASP A 123 18.53 -23.85 -5.23
N ALA A 124 18.21 -24.95 -5.92
CA ALA A 124 18.81 -25.19 -7.23
C ALA A 124 18.46 -24.08 -8.22
N ALA A 125 17.18 -23.66 -8.25
CA ALA A 125 16.80 -22.55 -9.12
C ALA A 125 17.51 -21.27 -8.71
N TRP A 126 17.50 -20.95 -7.41
CA TRP A 126 18.13 -19.74 -6.91
C TRP A 126 19.57 -19.61 -7.39
N ASN A 127 20.30 -20.72 -7.43
CA ASN A 127 21.71 -20.71 -7.77
C ASN A 127 21.99 -20.99 -9.24
N SER A 128 20.95 -21.15 -10.06
CA SER A 128 21.16 -21.57 -11.45
C SER A 128 21.54 -20.41 -12.35
N PHE A 129 22.22 -20.73 -13.45
CA PHE A 129 22.52 -19.70 -14.45
C PHE A 129 21.28 -19.31 -15.27
N VAL A 130 20.30 -20.21 -15.39
CA VAL A 130 19.03 -19.82 -16.01
C VAL A 130 18.39 -18.66 -15.25
N VAL A 131 18.42 -18.70 -13.91
CA VAL A 131 17.86 -17.61 -13.11
C VAL A 131 18.76 -16.37 -13.19
N LYS A 132 20.09 -16.55 -13.24
CA LYS A 132 20.97 -15.42 -13.49
C LYS A 132 20.59 -14.69 -14.78
N SER A 133 20.27 -15.46 -15.82
CA SER A 133 19.87 -14.86 -17.08
C SER A 133 18.50 -14.17 -16.96
N LEU A 134 17.57 -14.77 -16.21
CA LEU A 134 16.28 -14.12 -15.99
C LEU A 134 16.43 -12.83 -15.19
N VAL A 135 17.37 -12.80 -14.23
CA VAL A 135 17.65 -11.55 -13.53
C VAL A 135 18.18 -10.49 -14.51
N ALA A 136 19.15 -10.88 -15.33
CA ALA A 136 19.67 -9.99 -16.34
C ALA A 136 18.58 -9.51 -17.28
N GLN A 137 17.63 -10.39 -17.63
CA GLN A 137 16.57 -9.99 -18.56
C GLN A 137 15.67 -8.92 -17.94
N GLN A 138 15.33 -9.08 -16.66
CA GLN A 138 14.52 -8.09 -15.97
C GLN A 138 15.24 -6.75 -15.88
N GLU A 139 16.52 -6.78 -15.53
CA GLU A 139 17.31 -5.55 -15.47
C GLU A 139 17.39 -4.87 -16.83
N LYS A 140 17.65 -5.65 -17.89
CA LYS A 140 17.77 -5.05 -19.22
C LYS A 140 16.47 -4.40 -19.68
N ALA A 141 15.33 -5.05 -19.41
CA ALA A 141 14.06 -4.46 -19.84
C ALA A 141 13.80 -3.15 -19.14
N ALA A 142 14.06 -3.07 -17.85
CA ALA A 142 13.89 -1.82 -17.13
C ALA A 142 14.89 -0.78 -17.62
N ALA A 143 16.13 -1.19 -17.88
CA ALA A 143 17.14 -0.23 -18.36
C ALA A 143 16.76 0.36 -19.71
N ASP A 144 16.16 -0.46 -20.57
CA ASP A 144 15.82 0.01 -21.91
C ASP A 144 14.91 1.23 -21.87
N VAL A 145 14.12 1.40 -20.82
CA VAL A 145 13.13 2.46 -20.76
C VAL A 145 13.45 3.46 -19.66
N GLN A 146 14.69 3.48 -19.16
CA GLN A 146 15.10 4.41 -18.11
C GLN A 146 14.07 4.45 -16.99
N LEU A 147 13.72 3.27 -16.47
CA LEU A 147 12.61 3.15 -15.55
C LEU A 147 12.98 3.72 -14.18
N ARG A 148 12.14 4.61 -13.65
CA ARG A 148 12.38 5.19 -12.33
C ARG A 148 11.13 5.19 -11.46
N GLY A 149 10.03 4.60 -11.92
CA GLY A 149 8.82 4.50 -11.14
C GLY A 149 8.04 3.23 -11.44
N VAL A 150 7.46 2.62 -10.40
CA VAL A 150 6.54 1.49 -10.57
C VAL A 150 5.27 1.83 -9.80
N PRO A 151 4.14 1.19 -10.15
CA PRO A 151 3.87 0.26 -11.24
C PRO A 151 3.93 0.97 -12.59
N ALA A 152 4.52 0.30 -13.57
CA ALA A 152 4.60 0.85 -14.91
C ALA A 152 4.16 -0.23 -15.89
N MET A 153 3.50 0.18 -16.95
CA MET A 153 3.19 -0.74 -18.03
C MET A 153 3.52 -0.10 -19.36
N PHE A 154 4.14 -0.87 -20.23
CA PHE A 154 4.56 -0.43 -21.55
C PHE A 154 3.89 -1.32 -22.58
N VAL A 155 3.53 -0.72 -23.72
CA VAL A 155 2.83 -1.43 -24.78
C VAL A 155 3.66 -1.34 -26.04
N ASN A 156 4.10 -2.51 -26.54
CA ASN A 156 4.87 -2.64 -27.77
C ASN A 156 6.16 -1.82 -27.75
N GLY A 157 6.74 -1.62 -26.57
CA GLY A 157 7.96 -0.86 -26.47
C GLY A 157 7.85 0.60 -26.86
N LYS A 158 6.64 1.14 -26.97
CA LYS A 158 6.49 2.50 -27.49
C LYS A 158 5.69 3.40 -26.58
N TYR A 159 4.67 2.87 -25.91
CA TYR A 159 3.75 3.67 -25.14
C TYR A 159 3.80 3.27 -23.67
N GLN A 160 3.73 4.26 -22.80
CA GLN A 160 3.73 4.05 -21.37
C GLN A 160 2.39 4.50 -20.80
N LEU A 161 1.75 3.62 -20.04
CA LEU A 161 0.49 3.99 -19.39
C LEU A 161 0.72 5.14 -18.42
N ASN A 162 -0.24 6.07 -18.37
CA ASN A 162 -0.18 7.23 -17.47
C ASN A 162 -1.38 7.15 -16.52
N PRO A 163 -1.29 6.34 -15.46
CA PRO A 163 -2.44 6.23 -14.55
C PRO A 163 -2.72 7.49 -13.76
N GLN A 164 -1.75 8.41 -13.65
CA GLN A 164 -2.04 9.65 -12.94
C GLN A 164 -3.02 10.53 -13.70
N GLY A 165 -3.22 10.28 -15.00
CA GLY A 165 -4.25 10.93 -15.77
C GLY A 165 -5.61 10.25 -15.77
N MET A 166 -5.83 9.28 -14.86
CA MET A 166 -7.08 8.55 -14.77
C MET A 166 -7.77 8.88 -13.46
N ASP A 167 -9.09 9.03 -13.48
CA ASP A 167 -9.81 9.42 -12.27
C ASP A 167 -9.86 8.25 -11.30
N THR A 168 -9.72 8.54 -10.01
CA THR A 168 -9.62 7.49 -9.00
C THR A 168 -10.68 7.62 -7.91
N SER A 169 -11.79 8.29 -8.20
CA SER A 169 -12.90 8.31 -7.26
C SER A 169 -13.60 6.96 -7.20
N ASN A 170 -13.46 6.17 -8.24
CA ASN A 170 -14.13 4.88 -8.34
C ASN A 170 -13.11 3.87 -8.84
N MET A 171 -12.82 2.85 -8.04
CA MET A 171 -11.72 1.97 -8.39
C MET A 171 -12.04 1.11 -9.61
N ASP A 172 -13.31 0.74 -9.79
CA ASP A 172 -13.67 -0.07 -10.94
C ASP A 172 -13.58 0.76 -12.22
N VAL A 173 -13.96 2.03 -12.16
CA VAL A 173 -13.83 2.91 -13.33
C VAL A 173 -12.37 3.07 -13.71
N PHE A 174 -11.50 3.21 -12.70
CA PHE A 174 -10.07 3.35 -12.95
C PHE A 174 -9.52 2.11 -13.64
N VAL A 175 -9.87 0.91 -13.15
CA VAL A 175 -9.38 -0.32 -13.77
C VAL A 175 -9.84 -0.39 -15.22
N GLN A 176 -11.12 -0.09 -15.46
CA GLN A 176 -11.68 -0.12 -16.80
C GLN A 176 -10.97 0.87 -17.72
N GLN A 177 -10.73 2.09 -17.23
N GLN A 177 -10.76 2.10 -17.24
CA GLN A 177 -10.05 3.08 -18.06
CA GLN A 177 -10.04 3.09 -18.06
C GLN A 177 -8.63 2.63 -18.37
C GLN A 177 -8.63 2.60 -18.38
N TYR A 178 -7.95 2.04 -17.39
CA TYR A 178 -6.59 1.55 -17.60
C TYR A 178 -6.59 0.44 -18.64
N ALA A 179 -7.48 -0.54 -18.49
CA ALA A 179 -7.47 -1.66 -19.42
C ALA A 179 -7.91 -1.23 -20.82
N ASP A 180 -8.90 -0.34 -20.91
CA ASP A 180 -9.33 0.15 -22.21
C ASP A 180 -8.22 0.92 -22.91
N THR A 181 -7.39 1.64 -22.12
CA THR A 181 -6.25 2.34 -22.70
C THR A 181 -5.22 1.36 -23.25
N VAL A 182 -4.92 0.30 -22.48
CA VAL A 182 -3.99 -0.70 -23.00
C VAL A 182 -4.50 -1.27 -24.31
N LYS A 183 -5.80 -1.60 -24.36
CA LYS A 183 -6.36 -2.15 -25.60
C LYS A 183 -6.20 -1.18 -26.75
N TYR A 184 -6.52 0.09 -26.51
CA TYR A 184 -6.36 1.13 -27.53
C TYR A 184 -4.91 1.19 -28.01
N LEU A 185 -3.97 1.24 -27.07
CA LEU A 185 -2.56 1.30 -27.45
C LEU A 185 -2.12 0.05 -28.20
N SER A 186 -2.62 -1.12 -27.78
CA SER A 186 -2.20 -2.34 -28.44
C SER A 186 -2.66 -2.39 -29.88
N GLU A 187 -3.72 -1.66 -30.23
CA GLU A 187 -4.28 -1.64 -31.57
C GLU A 187 -3.73 -0.51 -32.44
N LYS A 188 -2.82 0.29 -31.92
CA LYS A 188 -2.17 1.32 -32.72
C LYS A 188 -1.15 0.68 -33.66
N ALA B 1 21.39 3.45 28.21
CA ALA B 1 19.97 3.73 28.54
C ALA B 1 19.04 2.87 27.71
N GLN B 2 17.90 2.49 28.27
CA GLN B 2 16.99 1.63 27.53
C GLN B 2 16.45 2.35 26.31
N TYR B 3 15.82 3.50 26.51
CA TYR B 3 15.24 4.27 25.41
C TYR B 3 16.29 5.21 24.84
N GLU B 4 16.55 5.08 23.55
CA GLU B 4 17.54 5.97 22.94
C GLU B 4 17.00 6.49 21.62
N ASP B 5 17.22 7.80 21.40
CA ASP B 5 16.74 8.47 20.21
C ASP B 5 17.26 7.77 18.95
N GLY B 6 16.36 7.51 18.02
CA GLY B 6 16.67 6.78 16.81
C GLY B 6 16.47 5.29 16.92
N LYS B 7 16.23 4.76 18.12
CA LYS B 7 15.96 3.34 18.28
C LYS B 7 14.44 3.11 18.36
N GLN B 8 13.84 3.30 19.53
CA GLN B 8 12.39 3.09 19.68
C GLN B 8 11.57 4.26 19.15
N TYR B 9 12.20 5.41 18.94
CA TYR B 9 11.51 6.64 18.57
C TYR B 9 12.53 7.58 17.92
N THR B 10 12.01 8.59 17.24
CA THR B 10 12.79 9.72 16.76
C THR B 10 12.16 10.99 17.31
N THR B 11 12.87 12.10 17.16
CA THR B 11 12.49 13.39 17.72
C THR B 11 12.22 14.37 16.57
N LEU B 12 11.03 14.98 16.58
CA LEU B 12 10.68 15.95 15.54
C LEU B 12 11.59 17.19 15.64
N GLU B 13 12.14 17.59 14.50
CA GLU B 13 12.97 18.80 14.46
C GLU B 13 12.13 20.04 14.77
N LYS B 14 10.88 20.07 14.31
CA LYS B 14 9.97 21.19 14.55
C LYS B 14 8.77 20.67 15.31
N PRO B 15 8.87 20.57 16.64
CA PRO B 15 7.69 20.16 17.42
C PRO B 15 6.55 21.16 17.23
N VAL B 16 5.34 20.64 17.14
CA VAL B 16 4.17 21.49 16.90
C VAL B 16 3.37 21.63 18.19
N ALA B 17 2.85 22.84 18.42
CA ALA B 17 2.14 23.16 19.63
C ALA B 17 0.68 22.74 19.54
N GLY B 18 0.10 22.41 20.70
CA GLY B 18 -1.29 22.01 20.75
C GLY B 18 -1.59 20.66 20.17
N ALA B 19 -0.59 19.82 19.94
CA ALA B 19 -0.83 18.51 19.38
C ALA B 19 -1.45 17.59 20.43
N PRO B 20 -2.27 16.62 20.01
CA PRO B 20 -2.83 15.66 20.95
C PRO B 20 -1.73 14.88 21.66
N GLN B 21 -2.05 14.42 22.87
CA GLN B 21 -1.08 13.68 23.67
C GLN B 21 -0.54 12.48 22.89
N VAL B 22 -1.45 11.67 22.34
CA VAL B 22 -1.08 10.48 21.58
C VAL B 22 -1.91 10.52 20.30
N LEU B 23 -1.23 10.66 19.16
CA LEU B 23 -1.88 10.88 17.88
C LEU B 23 -1.47 9.77 16.93
N GLU B 24 -2.45 9.02 16.45
CA GLU B 24 -2.23 7.93 15.52
C GLU B 24 -2.79 8.31 14.14
N PHE B 25 -2.05 7.99 13.07
CA PHE B 25 -2.51 8.19 11.71
C PHE B 25 -2.65 6.84 11.02
N PHE B 26 -3.71 6.67 10.22
CA PHE B 26 -3.88 5.43 9.47
C PHE B 26 -4.61 5.70 8.18
N SER B 27 -4.71 4.67 7.34
CA SER B 27 -5.59 4.71 6.18
C SER B 27 -6.29 3.38 6.05
N PHE B 28 -7.55 3.39 5.62
CA PHE B 28 -8.21 2.12 5.36
C PHE B 28 -7.63 1.41 4.14
N PHE B 29 -6.81 2.09 3.33
CA PHE B 29 -6.11 1.45 2.23
C PHE B 29 -4.76 0.86 2.64
N CYS B 30 -4.36 1.04 3.90
CA CYS B 30 -2.99 0.77 4.32
C CYS B 30 -2.91 -0.62 4.93
N PRO B 31 -2.24 -1.59 4.28
CA PRO B 31 -2.29 -2.97 4.79
C PRO B 31 -1.56 -3.14 6.12
N HIS B 32 -0.46 -2.44 6.32
CA HIS B 32 0.22 -2.50 7.61
C HIS B 32 -0.60 -1.82 8.71
N CYS B 33 -1.45 -0.84 8.36
CA CYS B 33 -2.37 -0.28 9.35
C CYS B 33 -3.42 -1.30 9.78
N TYR B 34 -3.91 -2.09 8.81
CA TYR B 34 -4.83 -3.17 9.12
C TYR B 34 -4.17 -4.17 10.06
N GLN B 35 -2.92 -4.53 9.75
CA GLN B 35 -2.16 -5.45 10.61
C GLN B 35 -2.03 -4.89 12.02
N PHE B 36 -1.59 -3.63 12.14
CA PHE B 36 -1.45 -2.99 13.45
C PHE B 36 -2.77 -3.02 14.23
N GLU B 37 -3.85 -2.56 13.61
CA GLU B 37 -5.09 -2.37 14.37
C GLU B 37 -5.76 -3.70 14.68
N GLU B 38 -5.80 -4.63 13.73
CA GLU B 38 -6.68 -5.77 13.86
C GLU B 38 -5.95 -7.09 14.07
N VAL B 39 -4.64 -7.16 13.86
CA VAL B 39 -3.89 -8.38 14.10
C VAL B 39 -2.99 -8.23 15.32
N LEU B 40 -2.07 -7.27 15.30
CA LEU B 40 -1.22 -7.02 16.45
C LEU B 40 -1.95 -6.31 17.58
N HIS B 41 -3.05 -5.61 17.29
CA HIS B 41 -3.78 -4.85 18.30
C HIS B 41 -2.89 -3.81 18.98
N ILE B 42 -2.17 -3.04 18.17
CA ILE B 42 -1.23 -2.06 18.73
C ILE B 42 -1.97 -1.06 19.61
N SER B 43 -3.03 -0.46 19.08
CA SER B 43 -3.73 0.59 19.83
C SER B 43 -4.34 0.07 21.11
N ASP B 44 -4.86 -1.17 21.08
CA ASP B 44 -5.38 -1.76 22.31
C ASP B 44 -4.30 -1.85 23.38
N ASN B 45 -3.12 -2.30 22.99
CA ASN B 45 -2.06 -2.50 23.95
C ASN B 45 -1.45 -1.19 24.40
N VAL B 46 -1.41 -0.20 23.51
CA VAL B 46 -0.97 1.13 23.91
C VAL B 46 -1.94 1.72 24.94
N LYS B 47 -3.25 1.64 24.66
CA LYS B 47 -4.25 2.22 25.56
C LYS B 47 -4.19 1.56 26.94
N LYS B 48 -3.96 0.23 26.97
CA LYS B 48 -3.88 -0.49 28.24
C LYS B 48 -2.84 0.12 29.16
N LYS B 49 -1.78 0.68 28.60
CA LYS B 49 -0.66 1.15 29.41
C LYS B 49 -0.57 2.67 29.52
N LEU B 50 -1.49 3.41 28.92
CA LEU B 50 -1.38 4.87 28.98
C LEU B 50 -1.68 5.36 30.40
N PRO B 51 -0.90 6.32 30.89
CA PRO B 51 -1.16 6.84 32.24
C PRO B 51 -2.47 7.60 32.28
N GLU B 52 -3.00 7.73 33.50
CA GLU B 52 -4.28 8.41 33.70
C GLU B 52 -4.24 9.83 33.14
N GLY B 53 -5.28 10.18 32.39
CA GLY B 53 -5.39 11.48 31.78
C GLY B 53 -4.96 11.56 30.33
N VAL B 54 -4.27 10.54 29.83
CA VAL B 54 -3.79 10.51 28.45
C VAL B 54 -4.77 9.70 27.62
N LYS B 55 -5.34 10.32 26.59
CA LYS B 55 -6.27 9.67 25.68
C LYS B 55 -5.70 9.62 24.26
N MET B 56 -6.16 8.65 23.49
CA MET B 56 -5.65 8.40 22.15
C MET B 56 -6.53 9.07 21.11
N THR B 57 -5.90 9.74 20.15
CA THR B 57 -6.57 10.34 19.02
C THR B 57 -6.11 9.60 17.77
N LYS B 58 -7.05 9.31 16.87
CA LYS B 58 -6.73 8.58 15.64
C LYS B 58 -7.34 9.32 14.45
N TYR B 59 -6.51 9.66 13.47
CA TYR B 59 -6.92 10.38 12.28
C TYR B 59 -6.61 9.56 11.03
N HIS B 60 -7.45 9.75 10.00
CA HIS B 60 -7.28 9.13 8.69
C HIS B 60 -6.49 10.06 7.78
N VAL B 61 -5.85 9.48 6.75
CA VAL B 61 -5.03 10.28 5.84
C VAL B 61 -5.59 10.18 4.42
N ASN B 62 -5.27 11.18 3.62
CA ASN B 62 -5.78 11.30 2.25
C ASN B 62 -4.91 10.62 1.20
N PHE B 63 -3.63 10.39 1.49
CA PHE B 63 -2.68 10.16 0.42
C PHE B 63 -2.57 8.70 0.01
N MET B 64 -3.53 7.85 0.37
CA MET B 64 -3.61 6.50 -0.17
C MET B 64 -4.98 6.29 -0.76
N GLY B 65 -5.06 5.49 -1.82
CA GLY B 65 -6.35 5.19 -2.41
C GLY B 65 -6.88 6.26 -3.32
N GLY B 66 -6.02 7.14 -3.83
CA GLY B 66 -6.47 8.15 -4.78
C GLY B 66 -7.55 9.03 -4.18
N ASP B 67 -8.48 9.44 -5.04
CA ASP B 67 -9.54 10.33 -4.59
C ASP B 67 -10.47 9.67 -3.58
N LEU B 68 -10.63 8.35 -3.67
CA LEU B 68 -11.43 7.65 -2.68
C LEU B 68 -10.82 7.79 -1.28
N GLY B 69 -9.50 7.96 -1.18
CA GLY B 69 -8.90 8.18 0.12
C GLY B 69 -9.42 9.42 0.82
N LYS B 70 -9.64 10.50 0.06
CA LYS B 70 -10.24 11.70 0.63
C LYS B 70 -11.64 11.42 1.19
N ASP B 71 -12.45 10.68 0.43
CA ASP B 71 -13.80 10.35 0.91
C ASP B 71 -13.74 9.55 2.20
N LEU B 72 -12.77 8.64 2.30
CA LEU B 72 -12.61 7.86 3.52
C LEU B 72 -12.19 8.74 4.69
N THR B 73 -11.38 9.77 4.45
CA THR B 73 -11.05 10.70 5.52
C THR B 73 -12.29 11.40 6.04
N GLN B 74 -13.17 11.81 5.12
CA GLN B 74 -14.41 12.45 5.53
C GLN B 74 -15.34 11.45 6.23
N ALA B 75 -15.37 10.21 5.78
CA ALA B 75 -16.19 9.21 6.44
C ALA B 75 -15.66 8.93 7.84
N TRP B 76 -14.34 8.92 8.01
CA TRP B 76 -13.78 8.79 9.36
C TRP B 76 -14.19 9.98 10.23
N ALA B 77 -14.22 11.19 9.64
CA ALA B 77 -14.76 12.33 10.36
C ALA B 77 -16.21 12.09 10.77
N VAL B 78 -17.01 11.48 9.90
CA VAL B 78 -18.39 11.13 10.27
C VAL B 78 -18.39 10.11 11.41
N ALA B 79 -17.51 9.10 11.32
CA ALA B 79 -17.45 8.09 12.37
C ALA B 79 -17.13 8.71 13.72
N MET B 80 -16.19 9.65 13.75
CA MET B 80 -15.88 10.32 15.00
C MET B 80 -17.06 11.15 15.48
N ALA B 81 -17.70 11.88 14.56
CA ALA B 81 -18.79 12.76 14.95
C ALA B 81 -19.98 11.98 15.49
N LEU B 82 -20.22 10.78 14.96
CA LEU B 82 -21.32 9.94 15.41
C LEU B 82 -20.94 9.00 16.53
N GLY B 83 -19.65 8.90 16.86
CA GLY B 83 -19.23 7.97 17.89
C GLY B 83 -19.41 6.51 17.49
N VAL B 84 -19.13 6.18 16.23
CA VAL B 84 -19.34 4.82 15.75
C VAL B 84 -18.04 4.21 15.25
N GLU B 85 -16.89 4.74 15.70
CA GLU B 85 -15.60 4.16 15.30
C GLU B 85 -15.55 2.67 15.59
N ASP B 86 -16.09 2.26 16.73
CA ASP B 86 -15.97 0.86 17.11
C ASP B 86 -17.06 0.00 16.46
N LYS B 87 -17.83 0.55 15.54
CA LYS B 87 -18.74 -0.25 14.73
C LYS B 87 -18.36 -0.31 13.26
N VAL B 88 -17.74 0.74 12.72
CA VAL B 88 -17.48 0.77 11.27
C VAL B 88 -16.03 0.46 10.92
N THR B 89 -15.12 0.39 11.90
CA THR B 89 -13.70 0.21 11.55
C THR B 89 -13.46 -1.10 10.79
N VAL B 90 -14.05 -2.20 11.27
CA VAL B 90 -13.84 -3.50 10.65
C VAL B 90 -14.53 -3.55 9.28
N PRO B 91 -15.82 -3.22 9.13
CA PRO B 91 -16.39 -3.24 7.77
C PRO B 91 -15.66 -2.32 6.79
N LEU B 92 -15.06 -1.23 7.26
CA LEU B 92 -14.34 -0.35 6.33
C LEU B 92 -13.02 -1.00 5.90
N PHE B 93 -12.23 -1.53 6.85
CA PHE B 93 -11.01 -2.26 6.48
C PHE B 93 -11.33 -3.45 5.57
N GLU B 94 -12.30 -4.29 5.97
CA GLU B 94 -12.59 -5.48 5.20
C GLU B 94 -13.16 -5.12 3.83
N GLY B 95 -13.99 -4.06 3.77
CA GLY B 95 -14.60 -3.70 2.50
C GLY B 95 -13.58 -3.16 1.49
N VAL B 96 -12.58 -2.41 1.96
CA VAL B 96 -11.54 -1.92 1.06
C VAL B 96 -10.57 -3.04 0.71
N GLN B 97 -10.02 -3.71 1.72
CA GLN B 97 -8.86 -4.56 1.51
C GLN B 97 -9.17 -6.04 1.36
N LYS B 98 -10.32 -6.53 1.87
CA LYS B 98 -10.57 -7.96 1.94
C LYS B 98 -11.63 -8.38 0.93
N THR B 99 -12.88 -7.96 1.14
CA THR B 99 -13.96 -8.34 0.25
C THR B 99 -14.00 -7.50 -1.01
N GLN B 100 -13.31 -6.36 -1.02
CA GLN B 100 -13.28 -5.45 -2.16
C GLN B 100 -14.70 -5.05 -2.59
N THR B 101 -15.51 -4.70 -1.60
CA THR B 101 -16.86 -4.21 -1.85
C THR B 101 -16.97 -2.72 -1.63
N ILE B 102 -15.89 -2.06 -1.23
CA ILE B 102 -15.84 -0.61 -1.12
C ILE B 102 -15.01 -0.09 -2.28
N ARG B 103 -15.69 0.54 -3.24
CA ARG B 103 -15.08 0.98 -4.48
C ARG B 103 -15.37 2.44 -4.79
N SER B 104 -16.25 3.08 -4.04
CA SER B 104 -16.61 4.47 -4.27
C SER B 104 -17.28 4.99 -3.01
N ALA B 105 -17.53 6.29 -2.98
CA ALA B 105 -18.10 6.89 -1.77
C ALA B 105 -19.44 6.28 -1.41
N SER B 106 -20.23 5.85 -2.40
CA SER B 106 -21.53 5.28 -2.10
C SER B 106 -21.41 3.98 -1.31
N ASP B 107 -20.37 3.20 -1.57
CA ASP B 107 -20.17 1.97 -0.81
C ASP B 107 -19.82 2.27 0.63
N ILE B 108 -19.15 3.40 0.87
CA ILE B 108 -18.84 3.80 2.23
C ILE B 108 -20.12 4.11 3.00
N ARG B 109 -21.01 4.88 2.39
CA ARG B 109 -22.32 5.14 2.99
C ARG B 109 -23.03 3.84 3.36
N ASP B 110 -22.96 2.82 2.50
CA ASP B 110 -23.68 1.58 2.76
C ASP B 110 -23.19 0.92 4.05
N VAL B 111 -21.89 1.02 4.32
CA VAL B 111 -21.34 0.43 5.53
C VAL B 111 -22.00 1.04 6.77
N PHE B 112 -22.08 2.37 6.81
CA PHE B 112 -22.72 3.04 7.94
C PHE B 112 -24.19 2.65 8.06
N ILE B 113 -24.92 2.66 6.94
CA ILE B 113 -26.32 2.25 6.98
C ILE B 113 -26.44 0.81 7.44
N ASN B 114 -25.55 -0.07 6.96
CA ASN B 114 -25.59 -1.47 7.35
C ASN B 114 -25.32 -1.65 8.84
N ALA B 115 -24.55 -0.76 9.44
CA ALA B 115 -24.28 -0.81 10.87
C ALA B 115 -25.37 -0.13 11.71
N GLY B 116 -26.47 0.32 11.10
CA GLY B 116 -27.62 0.80 11.85
C GLY B 116 -27.81 2.30 11.86
N ILE B 117 -26.92 3.05 11.21
CA ILE B 117 -27.05 4.51 11.11
C ILE B 117 -28.05 4.82 10.00
N LYS B 118 -29.05 5.62 10.31
CA LYS B 118 -30.00 6.03 9.28
C LYS B 118 -29.29 6.81 8.19
N GLY B 119 -29.69 6.57 6.94
CA GLY B 119 -29.04 7.25 5.82
C GLY B 119 -29.18 8.76 5.90
N GLU B 120 -30.33 9.25 6.36
CA GLU B 120 -30.53 10.69 6.48
C GLU B 120 -29.59 11.29 7.51
N GLU B 121 -29.28 10.53 8.56
CA GLU B 121 -28.36 10.99 9.60
C GLU B 121 -26.91 10.93 9.12
N TYR B 122 -26.53 9.87 8.38
CA TYR B 122 -25.21 9.85 7.77
C TYR B 122 -25.01 11.06 6.88
N ASP B 123 -26.01 11.38 6.06
CA ASP B 123 -25.89 12.48 5.11
C ASP B 123 -25.82 13.82 5.81
N ALA B 124 -26.66 14.02 6.84
CA ALA B 124 -26.58 15.26 7.61
C ALA B 124 -25.22 15.41 8.28
N ALA B 125 -24.71 14.33 8.86
CA ALA B 125 -23.37 14.38 9.43
C ALA B 125 -22.34 14.69 8.36
N TRP B 126 -22.42 13.99 7.23
CA TRP B 126 -21.44 14.17 6.16
C TRP B 126 -21.31 15.64 5.77
N ASN B 127 -22.44 16.37 5.77
CA ASN B 127 -22.48 17.77 5.35
C ASN B 127 -22.43 18.75 6.52
N SER B 128 -22.14 18.27 7.73
CA SER B 128 -22.19 19.13 8.90
C SER B 128 -20.94 19.98 9.03
N PHE B 129 -21.07 21.11 9.76
CA PHE B 129 -19.90 21.91 10.05
C PHE B 129 -18.90 21.15 10.90
N VAL B 130 -19.40 20.34 11.85
CA VAL B 130 -18.53 19.52 12.69
C VAL B 130 -17.61 18.65 11.83
N VAL B 131 -18.18 17.99 10.82
CA VAL B 131 -17.39 17.08 10.00
C VAL B 131 -16.41 17.84 9.11
N LYS B 132 -16.86 18.95 8.53
CA LYS B 132 -15.96 19.82 7.77
C LYS B 132 -14.78 20.27 8.63
N SER B 133 -15.06 20.65 9.88
CA SER B 133 -13.99 21.01 10.81
C SER B 133 -13.09 19.81 11.12
N LEU B 134 -13.68 18.64 11.32
CA LEU B 134 -12.88 17.45 11.62
C LEU B 134 -11.98 17.07 10.44
N VAL B 135 -12.48 17.24 9.21
CA VAL B 135 -11.62 16.97 8.06
C VAL B 135 -10.42 17.92 8.05
N ALA B 136 -10.65 19.20 8.35
CA ALA B 136 -9.54 20.16 8.35
C ALA B 136 -8.53 19.86 9.45
N GLN B 137 -9.02 19.41 10.62
CA GLN B 137 -8.10 19.05 11.71
C GLN B 137 -7.23 17.87 11.34
N GLN B 138 -7.83 16.84 10.74
CA GLN B 138 -7.04 15.68 10.30
C GLN B 138 -5.98 16.09 9.29
N GLU B 139 -6.35 16.91 8.30
CA GLU B 139 -5.38 17.32 7.29
C GLU B 139 -4.30 18.21 7.89
N LYS B 140 -4.66 19.12 8.78
CA LYS B 140 -3.68 20.01 9.39
C LYS B 140 -2.72 19.24 10.29
N ALA B 141 -3.21 18.22 11.00
CA ALA B 141 -2.34 17.44 11.86
C ALA B 141 -1.29 16.72 11.03
N ALA B 142 -1.67 16.19 9.88
CA ALA B 142 -0.70 15.52 9.02
C ALA B 142 0.34 16.50 8.49
N ALA B 143 -0.09 17.68 8.03
CA ALA B 143 0.87 18.69 7.57
C ALA B 143 1.82 19.09 8.69
N ASP B 144 1.30 19.22 9.91
CA ASP B 144 2.12 19.71 11.01
C ASP B 144 3.30 18.79 11.32
N VAL B 145 3.14 17.49 11.09
CA VAL B 145 4.25 16.56 11.30
C VAL B 145 4.91 16.16 9.99
N GLN B 146 4.59 16.83 8.89
CA GLN B 146 5.11 16.51 7.56
C GLN B 146 4.97 15.02 7.27
N LEU B 147 3.77 14.51 7.53
CA LEU B 147 3.55 13.08 7.47
C LEU B 147 3.77 12.56 6.05
N ARG B 148 4.65 11.57 5.92
CA ARG B 148 4.90 10.97 4.62
C ARG B 148 4.32 9.57 4.47
N GLY B 149 3.95 8.91 5.57
CA GLY B 149 3.41 7.58 5.45
C GLY B 149 2.67 7.13 6.69
N VAL B 150 1.91 6.05 6.53
CA VAL B 150 1.21 5.42 7.65
C VAL B 150 1.57 3.94 7.66
N PRO B 151 1.37 3.25 8.81
CA PRO B 151 0.95 3.76 10.11
C PRO B 151 1.97 4.73 10.71
N ALA B 152 1.52 5.58 11.62
CA ALA B 152 2.42 6.47 12.32
C ALA B 152 1.76 6.85 13.64
N MET B 153 2.59 7.07 14.67
CA MET B 153 2.08 7.53 15.95
C MET B 153 3.03 8.58 16.53
N PHE B 154 2.46 9.62 17.13
CA PHE B 154 3.21 10.76 17.65
C PHE B 154 2.81 11.02 19.10
N VAL B 155 3.77 11.40 19.94
CA VAL B 155 3.51 11.67 21.34
C VAL B 155 3.78 13.15 21.59
N ASN B 156 2.75 13.88 22.00
CA ASN B 156 2.86 15.28 22.40
C ASN B 156 3.46 16.16 21.31
N GLY B 157 3.30 15.77 20.05
CA GLY B 157 3.83 16.55 18.95
C GLY B 157 5.34 16.66 18.92
N LYS B 158 6.05 15.85 19.70
CA LYS B 158 7.49 15.94 19.82
C LYS B 158 8.22 14.68 19.36
N TYR B 159 7.64 13.50 19.58
CA TYR B 159 8.29 12.23 19.30
C TYR B 159 7.47 11.40 18.33
N GLN B 160 8.16 10.67 17.47
CA GLN B 160 7.54 9.78 16.50
C GLN B 160 7.96 8.36 16.81
N LEU B 161 6.99 7.46 16.91
CA LEU B 161 7.32 6.06 17.21
C LEU B 161 8.14 5.50 16.06
N ASN B 162 9.11 4.64 16.39
CA ASN B 162 10.02 4.07 15.39
C ASN B 162 9.98 2.54 15.49
N PRO B 163 8.88 1.92 15.06
CA PRO B 163 8.80 0.46 15.15
C PRO B 163 9.91 -0.24 14.39
N GLN B 164 10.45 0.39 13.35
CA GLN B 164 11.51 -0.24 12.57
C GLN B 164 12.80 -0.39 13.39
N GLY B 165 12.94 0.34 14.49
CA GLY B 165 14.06 0.18 15.39
C GLY B 165 13.80 -0.73 16.57
N MET B 166 12.62 -1.32 16.65
CA MET B 166 12.26 -2.18 17.78
C MET B 166 12.59 -3.63 17.45
N ASP B 167 12.35 -4.52 18.41
CA ASP B 167 12.69 -5.93 18.24
C ASP B 167 11.57 -6.58 17.45
N THR B 168 11.85 -6.85 16.17
CA THR B 168 10.88 -7.40 15.24
C THR B 168 10.91 -8.92 15.19
N SER B 169 11.70 -9.57 16.05
CA SER B 169 11.86 -11.01 16.05
C SER B 169 10.95 -11.71 17.05
N ASN B 170 10.03 -10.97 17.66
CA ASN B 170 9.09 -11.53 18.63
C ASN B 170 7.94 -10.53 18.73
N MET B 171 6.80 -10.88 18.16
CA MET B 171 5.71 -9.93 18.07
C MET B 171 5.13 -9.60 19.44
N ASP B 172 5.01 -10.58 20.33
CA ASP B 172 4.48 -10.28 21.66
C ASP B 172 5.37 -9.28 22.38
N VAL B 173 6.69 -9.42 22.24
CA VAL B 173 7.60 -8.47 22.86
C VAL B 173 7.56 -7.14 22.11
N PHE B 174 7.47 -7.20 20.78
CA PHE B 174 7.39 -5.98 19.98
C PHE B 174 6.20 -5.13 20.38
N VAL B 175 5.03 -5.77 20.49
CA VAL B 175 3.80 -5.05 20.80
C VAL B 175 3.93 -4.33 22.13
N GLN B 176 4.46 -5.01 23.16
CA GLN B 176 4.63 -4.36 24.45
C GLN B 176 5.75 -3.34 24.43
N GLN B 177 6.78 -3.56 23.60
CA GLN B 177 7.82 -2.55 23.43
C GLN B 177 7.26 -1.27 22.85
N TYR B 178 6.41 -1.41 21.82
CA TYR B 178 5.72 -0.26 21.27
C TYR B 178 4.88 0.43 22.33
N ALA B 179 4.05 -0.35 23.06
CA ALA B 179 3.22 0.25 24.10
C ALA B 179 4.05 0.91 25.20
N ASP B 180 5.12 0.24 25.64
CA ASP B 180 5.95 0.81 26.68
C ASP B 180 6.65 2.07 26.21
N THR B 181 7.03 2.12 24.91
CA THR B 181 7.65 3.31 24.36
C THR B 181 6.68 4.49 24.40
N VAL B 182 5.43 4.26 24.02
CA VAL B 182 4.43 5.33 24.10
C VAL B 182 4.29 5.81 25.53
N LYS B 183 4.14 4.87 26.48
CA LYS B 183 4.00 5.24 27.88
C LYS B 183 5.23 6.03 28.37
N TYR B 184 6.42 5.57 28.02
CA TYR B 184 7.64 6.25 28.46
C TYR B 184 7.73 7.65 27.87
N LEU B 185 7.47 7.77 26.58
CA LEU B 185 7.47 9.10 25.95
C LEU B 185 6.39 9.99 26.55
N SER B 186 5.25 9.40 26.92
CA SER B 186 4.17 10.16 27.55
C SER B 186 4.59 10.74 28.90
N GLU B 187 5.51 10.06 29.59
CA GLU B 187 5.98 10.51 30.89
C GLU B 187 7.18 11.44 30.80
N LYS B 188 7.76 11.60 29.62
CA LYS B 188 8.88 12.54 29.45
C LYS B 188 8.43 13.99 29.63
C12 OVJ C . -4.02 5.16 -7.88
C13 OVJ C . -3.49 3.89 -7.63
C15 OVJ C . -5.48 3.19 -6.47
C20 OVJ C . -1.29 7.46 -9.29
C21 OVJ C . 0.00 7.54 -9.81
C22 OVJ C . 0.66 6.38 -10.21
C02 OVJ C . 4.20 7.00 -10.07
C04 OVJ C . 3.11 6.85 -11.17
C05 OVJ C . 1.94 6.03 -10.79
C06 OVJ C . 1.90 4.67 -10.92
C08 OVJ C . -0.06 5.16 -10.05
C09 OVJ C . -1.34 5.05 -9.54
C10 OVJ C . -1.98 6.22 -9.13
C14 OVJ C . -4.20 2.91 -6.94
C17 OVJ C . -5.67 2.07 -4.49
C18 OVJ C . -6.03 4.43 -6.68
C19 OVJ C . -5.31 5.40 -7.37
N11 OVJ C . -3.32 6.19 -8.58
O01 OVJ C . 3.89 7.66 -9.06
O03 OVJ C . 5.30 6.44 -10.28
O07 OVJ C . 0.69 4.12 -10.48
O16 OVJ C . -6.18 2.25 -5.78
CU CU D . 21.29 2.98 26.13
#